data_9D4D
#
_entry.id   9D4D
#
_cell.length_a   72.650
_cell.length_b   41.110
_cell.length_c   103.130
_cell.angle_alpha   90.000
_cell.angle_beta   98.220
_cell.angle_gamma   90.000
#
_symmetry.space_group_name_H-M   'C 1 2 1'
#
loop_
_entity.id
_entity.type
_entity.pdbx_description
1 polymer 'Mannan-binding lectin serine protease 2 B chain'
2 non-polymer GLYCEROL
3 non-polymer 2-(2-amino-1H-1,3-benzimidazol-4-yl)-N-{4-[(pyridin-4-yl)methyl]phenyl}acetamide
4 water water
#
_entity_poly.entity_id   1
_entity_poly.type   'polypeptide(L)'
_entity_poly.pdbx_seq_one_letter_code
;IVDCGPPDDLPSGRVEYITGPGVTTYKAVIQYSCEETFYTMKVNDGKYVCEADGFWTSSKGEKSLPVCEPVCGLSARTTG
GRIYGGQKAKPGDFPWQVLILGGTTAAGALLYDNWVLTAAHAVYEQKHDASALDIRMGTLKRLSPHYTQAWSEAVFIHEG
YTHDAGFDNDIALIKLNNKVVINSNITPICLPRKEAESFMRTDDIGTASGWGLTQRGFLARNLMYVDIPIVDHQKCTAAY
EKPPYPRGSVTANMLCAGLESGGKDSCRGDSGGALVFLDSETERWFVGGIVSWGSMNCGEAGQYGVYTKVINYIPWIENI
ISDF
;
_entity_poly.pdbx_strand_id   A
#
# COMPACT_ATOMS: atom_id res chain seq x y z
N VAL A 2 -30.76 3.57 32.08
CA VAL A 2 -31.41 4.84 31.81
C VAL A 2 -30.41 5.89 31.30
N ASP A 3 -29.15 5.74 31.71
CA ASP A 3 -28.09 6.68 31.37
C ASP A 3 -26.95 5.92 30.68
N CYS A 4 -26.66 6.30 29.43
CA CYS A 4 -25.64 5.61 28.64
C CYS A 4 -24.21 6.04 28.95
N GLY A 5 -24.01 7.15 29.66
CA GLY A 5 -22.69 7.66 29.91
C GLY A 5 -22.16 8.42 28.70
N PRO A 6 -20.97 9.00 28.81
CA PRO A 6 -20.41 9.72 27.66
C PRO A 6 -20.07 8.75 26.53
N PRO A 7 -20.05 9.23 25.29
CA PRO A 7 -19.76 8.31 24.18
C PRO A 7 -18.27 8.08 24.02
N ASP A 8 -17.94 7.11 23.17
CA ASP A 8 -16.56 6.75 22.91
C ASP A 8 -15.99 7.65 21.81
N ASP A 9 -14.74 8.07 21.98
CA ASP A 9 -14.08 8.87 20.96
C ASP A 9 -13.89 8.06 19.68
N LEU A 10 -14.10 8.72 18.54
CA LEU A 10 -13.99 8.10 17.23
C LEU A 10 -12.61 8.42 16.65
N PRO A 11 -11.75 7.44 16.34
CA PRO A 11 -10.48 7.79 15.68
C PRO A 11 -10.71 8.40 14.30
N SER A 12 -9.98 9.48 14.03
CA SER A 12 -10.14 10.26 12.80
C SER A 12 -11.58 10.74 12.65
N GLY A 13 -12.18 11.13 13.76
CA GLY A 13 -13.55 11.60 13.76
C GLY A 13 -13.87 12.22 15.10
N ARG A 14 -15.08 12.75 15.20
CA ARG A 14 -15.51 13.56 16.33
C ARG A 14 -16.90 13.11 16.79
N VAL A 15 -17.29 13.67 17.94
CA VAL A 15 -18.55 13.35 18.60
C VAL A 15 -19.26 14.67 18.91
N GLU A 16 -20.58 14.67 18.79
CA GLU A 16 -21.38 15.85 19.08
C GLU A 16 -22.72 15.44 19.67
N TYR A 17 -23.04 16.00 20.83
CA TYR A 17 -24.35 15.80 21.44
C TYR A 17 -25.37 16.68 20.71
N ILE A 18 -26.43 16.05 20.22
CA ILE A 18 -27.49 16.74 19.50
C ILE A 18 -28.60 17.19 20.44
N THR A 19 -29.02 16.33 21.37
CA THR A 19 -30.07 16.71 22.32
C THR A 19 -29.59 17.85 23.23
N GLY A 20 -28.41 17.68 23.83
CA GLY A 20 -27.78 18.76 24.56
C GLY A 20 -26.36 18.37 24.99
N PRO A 21 -25.54 19.28 25.46
CA PRO A 21 -24.21 18.89 25.95
C PRO A 21 -24.29 18.06 27.21
N GLY A 22 -23.69 16.87 27.16
CA GLY A 22 -23.72 15.97 28.29
C GLY A 22 -25.06 15.31 28.53
N VAL A 23 -25.99 15.39 27.59
CA VAL A 23 -27.24 14.64 27.67
C VAL A 23 -26.92 13.24 27.15
N THR A 24 -27.06 12.25 28.03
CA THR A 24 -26.73 10.87 27.74
C THR A 24 -27.87 9.91 28.09
N THR A 25 -29.02 10.41 28.51
CA THR A 25 -30.10 9.58 29.01
C THR A 25 -30.77 8.81 27.87
N TYR A 26 -31.87 8.12 28.18
CA TYR A 26 -32.60 7.34 27.17
C TYR A 26 -33.13 8.25 26.08
N LYS A 27 -32.97 7.80 24.83
CA LYS A 27 -33.30 8.52 23.60
C LYS A 27 -32.42 9.75 23.35
N ALA A 28 -31.34 9.92 24.10
CA ALA A 28 -30.40 11.00 23.81
C ALA A 28 -29.74 10.75 22.45
N VAL A 29 -29.67 11.79 21.62
CA VAL A 29 -29.17 11.69 20.26
C VAL A 29 -27.77 12.28 20.21
N ILE A 30 -26.84 11.55 19.57
CA ILE A 30 -25.48 12.01 19.31
C ILE A 30 -25.24 11.84 17.81
N GLN A 31 -24.16 12.48 17.34
CA GLN A 31 -23.73 12.34 15.96
C GLN A 31 -22.22 12.11 15.92
N TYR A 32 -21.81 11.05 15.24
CA TYR A 32 -20.42 10.85 14.87
C TYR A 32 -20.19 11.47 13.49
N SER A 33 -18.95 11.86 13.23
CA SER A 33 -18.56 12.39 11.92
C SER A 33 -17.08 12.14 11.72
N CYS A 34 -16.61 12.34 10.48
CA CYS A 34 -15.21 12.26 10.12
C CYS A 34 -14.81 13.53 9.38
N GLU A 35 -13.50 13.73 9.26
CA GLU A 35 -12.99 14.73 8.31
C GLU A 35 -13.31 14.21 6.92
N GLU A 36 -14.44 14.65 6.36
CA GLU A 36 -14.96 14.08 5.13
C GLU A 36 -14.06 14.33 3.91
N THR A 37 -13.10 15.27 4.01
CA THR A 37 -12.17 15.51 2.93
C THR A 37 -11.31 14.28 2.64
N PHE A 38 -10.65 13.76 3.68
CA PHE A 38 -9.66 12.71 3.57
C PHE A 38 -10.05 11.41 4.25
N TYR A 39 -11.18 11.39 4.95
CA TYR A 39 -11.75 10.18 5.54
C TYR A 39 -13.20 10.08 5.10
N THR A 40 -13.77 8.89 5.24
CA THR A 40 -15.16 8.67 4.87
C THR A 40 -15.76 7.68 5.84
N MET A 41 -16.90 8.05 6.43
CA MET A 41 -17.54 7.19 7.41
C MET A 41 -18.03 5.91 6.75
N LYS A 42 -17.84 4.80 7.44
CA LYS A 42 -18.31 3.49 7.04
C LYS A 42 -19.26 2.98 8.13
N VAL A 43 -19.90 1.84 7.84
CA VAL A 43 -20.81 1.11 8.73
C VAL A 43 -22.17 1.79 8.73
N ASN A 44 -22.30 2.99 9.32
CA ASN A 44 -23.60 3.64 9.49
C ASN A 44 -23.47 5.15 9.23
N ASP A 45 -24.60 5.87 9.39
CA ASP A 45 -24.70 7.29 9.12
C ASP A 45 -24.20 8.18 10.25
N GLY A 46 -23.78 7.62 11.39
CA GLY A 46 -23.31 8.38 12.51
C GLY A 46 -24.35 8.75 13.54
N LYS A 47 -25.63 8.67 13.20
CA LYS A 47 -26.70 8.94 14.16
C LYS A 47 -26.80 7.77 15.12
N TYR A 48 -26.63 8.05 16.42
CA TYR A 48 -26.67 7.05 17.48
C TYR A 48 -27.59 7.52 18.59
N VAL A 49 -28.41 6.60 19.11
CA VAL A 49 -29.37 6.87 20.17
C VAL A 49 -29.17 5.88 21.31
N CYS A 50 -29.23 6.40 22.54
CA CYS A 50 -29.21 5.55 23.73
C CYS A 50 -30.51 4.78 23.83
N GLU A 51 -30.44 3.46 23.82
CA GLU A 51 -31.59 2.57 23.80
C GLU A 51 -31.79 1.90 25.16
N ALA A 52 -32.90 1.17 25.28
CA ALA A 52 -33.28 0.54 26.54
C ALA A 52 -32.28 -0.51 27.02
N ASP A 53 -31.45 -1.06 26.12
CA ASP A 53 -30.44 -2.04 26.51
C ASP A 53 -29.12 -1.40 26.96
N GLY A 54 -29.14 -0.12 27.32
CA GLY A 54 -28.03 0.52 28.01
C GLY A 54 -26.72 0.67 27.25
N PHE A 55 -26.78 1.13 26.00
CA PHE A 55 -25.56 1.49 25.27
C PHE A 55 -25.95 2.18 23.98
N TRP A 56 -25.04 3.00 23.47
CA TRP A 56 -25.29 3.77 22.24
C TRP A 56 -25.51 2.83 21.07
N THR A 57 -26.56 3.10 20.28
CA THR A 57 -26.97 2.25 19.17
C THR A 57 -27.38 3.11 17.98
N SER A 58 -27.10 2.61 16.78
CA SER A 58 -27.17 3.39 15.55
C SER A 58 -28.50 3.19 14.82
N SER A 59 -28.60 3.82 13.64
CA SER A 59 -29.81 3.71 12.84
C SER A 59 -30.02 2.28 12.35
N LYS A 60 -28.94 1.59 12.00
CA LYS A 60 -29.02 0.19 11.58
C LYS A 60 -29.10 -0.79 12.75
N GLY A 61 -29.08 -0.30 13.99
CA GLY A 61 -29.13 -1.17 15.15
C GLY A 61 -27.80 -1.69 15.62
N GLU A 62 -26.69 -1.08 15.20
CA GLU A 62 -25.35 -1.47 15.62
C GLU A 62 -24.94 -0.66 16.84
N LYS A 63 -24.32 -1.35 17.81
CA LYS A 63 -23.87 -0.73 19.05
C LYS A 63 -22.38 -0.37 19.05
N SER A 64 -21.64 -0.69 18.00
CA SER A 64 -20.21 -0.39 17.90
C SER A 64 -20.00 0.92 17.13
N LEU A 65 -18.79 1.46 17.24
CA LEU A 65 -18.46 2.72 16.61
C LEU A 65 -18.54 2.60 15.08
N PRO A 66 -18.72 3.71 14.36
CA PRO A 66 -18.43 3.70 12.92
C PRO A 66 -16.93 3.78 12.68
N VAL A 67 -16.56 3.63 11.41
CA VAL A 67 -15.17 3.58 10.97
C VAL A 67 -14.94 4.74 10.01
N CYS A 68 -13.93 5.55 10.29
CA CYS A 68 -13.47 6.61 9.39
C CYS A 68 -12.32 6.02 8.58
N GLU A 69 -12.62 5.58 7.35
CA GLU A 69 -11.65 4.95 6.47
C GLU A 69 -10.96 6.01 5.62
N PRO A 70 -9.62 6.07 5.55
CA PRO A 70 -9.00 7.12 4.73
C PRO A 70 -9.29 6.97 3.25
N VAL A 71 -9.47 8.12 2.59
CA VAL A 71 -9.64 8.15 1.15
C VAL A 71 -8.35 7.72 0.49
N CYS A 72 -8.46 6.84 -0.52
CA CYS A 72 -7.32 6.22 -1.17
C CYS A 72 -7.29 6.56 -2.67
N GLY A 73 -6.13 6.34 -3.27
CA GLY A 73 -6.01 6.32 -4.71
C GLY A 73 -5.94 7.66 -5.39
N LEU A 74 -5.82 8.75 -4.64
CA LEU A 74 -5.71 10.07 -5.23
C LEU A 74 -4.30 10.29 -5.76
N SER A 75 -4.18 11.18 -6.75
CA SER A 75 -2.89 11.45 -7.37
C SER A 75 -2.98 12.76 -8.14
N ALA A 76 -1.85 13.46 -8.21
CA ALA A 76 -1.74 14.67 -9.02
C ALA A 76 -1.59 14.37 -10.52
N ARG A 77 -1.43 13.10 -10.90
CA ARG A 77 -1.33 12.73 -12.31
C ARG A 77 -2.72 12.61 -12.95
N THR A 78 -3.64 11.91 -12.27
CA THR A 78 -4.95 11.56 -12.82
C THR A 78 -5.80 12.76 -13.29
N ILE A 83 14.68 2.98 -10.65
CA ILE A 83 13.81 3.18 -11.79
C ILE A 83 14.65 3.50 -13.04
N TYR A 84 14.63 2.56 -13.99
CA TYR A 84 15.35 2.68 -15.25
C TYR A 84 14.45 3.32 -16.30
N GLY A 85 14.92 4.38 -16.93
CA GLY A 85 14.20 4.95 -18.06
C GLY A 85 12.96 5.74 -17.71
N GLY A 86 12.98 6.45 -16.57
CA GLY A 86 11.81 7.17 -16.09
C GLY A 86 11.97 8.67 -15.97
N GLN A 87 11.04 9.29 -15.24
CA GLN A 87 10.97 10.72 -15.04
C GLN A 87 10.74 11.00 -13.58
N LYS A 88 11.09 12.21 -13.16
CA LYS A 88 10.91 12.61 -11.77
C LYS A 88 9.42 12.73 -11.45
N ALA A 89 9.04 12.18 -10.31
CA ALA A 89 7.69 12.35 -9.77
C ALA A 89 7.54 13.74 -9.17
N LYS A 90 6.43 14.41 -9.49
CA LYS A 90 6.07 15.67 -8.86
C LYS A 90 5.45 15.40 -7.50
N PRO A 91 5.34 16.43 -6.64
CA PRO A 91 4.62 16.23 -5.37
C PRO A 91 3.15 15.92 -5.63
N GLY A 92 2.62 14.98 -4.85
CA GLY A 92 1.26 14.52 -5.01
C GLY A 92 1.07 13.42 -6.04
N ASP A 93 2.11 13.06 -6.80
CA ASP A 93 1.97 12.02 -7.81
C ASP A 93 1.77 10.65 -7.16
N PHE A 94 2.60 10.33 -6.17
CA PHE A 94 2.60 9.04 -5.49
C PHE A 94 2.56 9.28 -3.99
N PRO A 95 1.45 9.85 -3.48
CA PRO A 95 1.38 10.20 -2.06
C PRO A 95 1.41 9.00 -1.13
N TRP A 96 1.11 7.80 -1.64
CA TRP A 96 1.29 6.56 -0.88
C TRP A 96 2.74 6.14 -0.73
N GLN A 97 3.70 6.79 -1.39
CA GLN A 97 5.07 6.30 -1.38
C GLN A 97 5.68 6.35 0.02
N VAL A 98 6.40 5.27 0.36
CA VAL A 98 7.04 5.11 1.66
C VAL A 98 8.48 4.67 1.39
N LEU A 99 9.42 5.34 2.07
CA LEU A 99 10.81 4.89 2.13
C LEU A 99 11.00 4.06 3.39
N ILE A 100 11.79 3.00 3.28
CA ILE A 100 12.09 2.10 4.40
C ILE A 100 13.61 2.00 4.47
N LEU A 101 14.18 2.49 5.58
CA LEU A 101 15.62 2.43 5.86
C LEU A 101 15.87 1.38 6.94
N GLY A 102 17.12 1.29 7.39
CA GLY A 102 17.53 0.44 8.48
C GLY A 102 18.41 -0.72 8.07
N GLY A 103 18.18 -1.26 6.87
CA GLY A 103 19.06 -2.25 6.26
C GLY A 103 19.70 -1.65 5.03
N THR A 104 19.16 -1.98 3.86
CA THR A 104 19.43 -1.29 2.61
C THR A 104 18.17 -0.54 2.18
N THR A 105 18.31 0.31 1.18
CA THR A 105 17.20 1.14 0.74
C THR A 105 16.11 0.29 0.09
N ALA A 106 14.87 0.49 0.53
CA ALA A 106 13.71 -0.18 -0.05
C ALA A 106 12.51 0.72 0.15
N ALA A 107 11.35 0.28 -0.34
CA ALA A 107 10.14 1.09 -0.37
C ALA A 107 8.93 0.27 0.04
N GLY A 108 7.82 0.98 0.25
CA GLY A 108 6.52 0.38 0.48
C GLY A 108 5.41 1.28 0.00
N ALA A 109 4.16 0.98 0.36
CA ALA A 109 3.02 1.81 -0.01
C ALA A 109 2.04 1.88 1.15
N LEU A 110 1.57 3.09 1.47
CA LEU A 110 0.66 3.27 2.59
C LEU A 110 -0.71 2.68 2.26
N LEU A 111 -1.25 1.91 3.20
CA LEU A 111 -2.63 1.43 3.17
C LEU A 111 -3.32 1.94 4.44
N TYR A 112 -4.49 2.53 4.28
CA TYR A 112 -5.20 3.20 5.37
C TYR A 112 -4.26 4.29 5.91
N ASP A 113 -4.17 4.49 7.22
CA ASP A 113 -3.26 5.46 7.82
C ASP A 113 -2.28 4.81 8.81
N ASN A 114 -2.19 3.48 8.82
CA ASN A 114 -1.36 2.78 9.82
C ASN A 114 -0.81 1.45 9.30
N TRP A 115 -0.73 1.25 7.98
CA TRP A 115 -0.25 0.02 7.40
C TRP A 115 0.57 0.34 6.16
N VAL A 116 1.61 -0.46 5.93
CA VAL A 116 2.51 -0.29 4.78
C VAL A 116 2.66 -1.64 4.09
N LEU A 117 2.25 -1.70 2.83
CA LEU A 117 2.47 -2.87 1.98
C LEU A 117 3.85 -2.81 1.37
N THR A 118 4.59 -3.91 1.42
CA THR A 118 5.94 -3.96 0.88
C THR A 118 6.26 -5.40 0.48
N ALA A 119 7.50 -5.63 0.07
CA ALA A 119 7.98 -6.95 -0.28
C ALA A 119 8.59 -7.62 0.95
N ALA A 120 8.33 -8.91 1.11
CA ALA A 120 8.92 -9.67 2.20
C ALA A 120 10.44 -9.65 2.12
N HIS A 121 11.00 -9.72 0.90
CA HIS A 121 12.45 -9.75 0.76
C HIS A 121 13.11 -8.44 1.18
N ALA A 122 12.37 -7.33 1.18
CA ALA A 122 12.94 -6.05 1.56
C ALA A 122 13.13 -5.91 3.06
N VAL A 123 12.26 -6.54 3.85
CA VAL A 123 12.19 -6.35 5.30
C VAL A 123 12.46 -7.61 6.10
N TYR A 124 12.81 -8.73 5.44
CA TYR A 124 12.98 -9.99 6.15
C TYR A 124 14.15 -9.93 7.13
N GLU A 125 15.28 -9.36 6.69
CA GLU A 125 16.48 -9.37 7.51
C GLU A 125 16.30 -8.55 8.78
N GLN A 126 15.57 -7.44 8.68
CA GLN A 126 15.45 -6.53 9.82
C GLN A 126 14.39 -6.99 10.83
N LYS A 127 13.31 -7.63 10.37
CA LYS A 127 12.34 -8.20 11.30
C LYS A 127 12.98 -9.26 12.17
N HIS A 128 13.74 -10.16 11.55
CA HIS A 128 14.35 -11.27 12.27
C HIS A 128 15.57 -10.86 13.09
N ASP A 129 16.04 -9.62 12.95
CA ASP A 129 16.95 -9.01 13.91
C ASP A 129 16.22 -8.28 15.05
N ALA A 130 14.89 -8.30 15.07
CA ALA A 130 14.08 -7.72 16.15
C ALA A 130 14.33 -6.22 16.28
N SER A 131 14.49 -5.55 15.15
CA SER A 131 14.73 -4.12 15.08
C SER A 131 13.57 -3.45 14.34
N ALA A 132 13.07 -2.35 14.92
CA ALA A 132 11.97 -1.63 14.28
C ALA A 132 12.44 -0.95 13.00
N LEU A 133 11.53 -0.86 12.04
CA LEU A 133 11.85 -0.29 10.74
C LEU A 133 11.75 1.23 10.77
N ASP A 134 12.75 1.90 10.23
CA ASP A 134 12.74 3.35 10.07
C ASP A 134 11.95 3.67 8.81
N ILE A 135 10.72 4.16 8.98
CA ILE A 135 9.77 4.36 7.90
C ILE A 135 9.55 5.86 7.74
N ARG A 136 9.64 6.34 6.49
CA ARG A 136 9.54 7.75 6.17
C ARG A 136 8.64 7.92 4.95
N MET A 137 7.94 9.04 4.91
CA MET A 137 7.01 9.33 3.82
C MET A 137 6.73 10.83 3.80
N GLY A 138 5.98 11.26 2.80
CA GLY A 138 5.71 12.66 2.61
C GLY A 138 6.83 13.46 1.97
N THR A 139 7.85 12.80 1.43
CA THR A 139 9.03 13.46 0.88
C THR A 139 9.42 12.79 -0.43
N LEU A 140 9.77 13.61 -1.43
CA LEU A 140 10.29 13.10 -2.69
C LEU A 140 11.78 12.79 -2.61
N LYS A 141 12.52 13.51 -1.77
CA LYS A 141 13.97 13.38 -1.68
C LYS A 141 14.32 12.32 -0.64
N ARG A 142 15.14 11.35 -1.07
CA ARG A 142 15.45 10.19 -0.23
C ARG A 142 16.23 10.58 1.02
N LEU A 143 17.21 11.47 0.89
CA LEU A 143 18.12 11.81 1.98
C LEU A 143 17.73 13.09 2.71
N SER A 144 16.50 13.56 2.52
CA SER A 144 16.10 14.82 3.14
C SER A 144 15.89 14.62 4.64
N PRO A 145 16.17 15.65 5.46
CA PRO A 145 15.79 15.55 6.89
C PRO A 145 14.33 15.92 7.15
N HIS A 146 13.65 16.54 6.19
CA HIS A 146 12.25 16.93 6.33
C HIS A 146 11.37 15.81 5.78
N TYR A 147 10.73 15.07 6.68
CA TYR A 147 9.86 13.96 6.30
C TYR A 147 8.93 13.65 7.47
N THR A 148 7.87 12.90 7.16
CA THR A 148 6.95 12.37 8.16
C THR A 148 7.51 11.06 8.69
N GLN A 149 7.77 11.00 10.00
CA GLN A 149 8.35 9.83 10.63
C GLN A 149 7.26 8.87 11.09
N ALA A 150 7.54 7.58 10.91
CA ALA A 150 6.71 6.52 11.44
C ALA A 150 7.60 5.35 11.80
N TRP A 151 7.09 4.46 12.66
CA TRP A 151 7.85 3.32 13.16
C TRP A 151 6.97 2.09 13.14
N SER A 152 7.61 0.93 12.98
CA SER A 152 6.89 -0.33 12.88
C SER A 152 6.54 -0.86 14.26
N GLU A 153 5.27 -1.22 14.44
CA GLU A 153 4.81 -1.95 15.62
C GLU A 153 5.03 -3.45 15.45
N ALA A 154 4.59 -4.00 14.31
CA ALA A 154 4.77 -5.40 13.98
C ALA A 154 4.99 -5.50 12.48
N VAL A 155 5.63 -6.59 12.07
CA VAL A 155 5.90 -6.89 10.67
C VAL A 155 5.39 -8.31 10.41
N PHE A 156 4.47 -8.44 9.46
CA PHE A 156 3.85 -9.71 9.09
C PHE A 156 4.37 -10.12 7.72
N ILE A 157 5.21 -11.14 7.69
CA ILE A 157 5.75 -11.69 6.45
C ILE A 157 4.90 -12.89 6.07
N HIS A 158 4.69 -13.06 4.76
CA HIS A 158 3.82 -14.13 4.28
C HIS A 158 4.39 -15.49 4.67
N GLU A 159 3.49 -16.40 5.07
N GLU A 159 3.51 -16.40 5.07
CA GLU A 159 3.88 -17.67 5.66
CA GLU A 159 3.93 -17.65 5.67
C GLU A 159 4.45 -18.66 4.66
C GLU A 159 4.45 -18.66 4.65
N GLY A 160 4.24 -18.43 3.36
CA GLY A 160 4.84 -19.22 2.30
C GLY A 160 6.07 -18.60 1.67
N TYR A 161 6.54 -17.47 2.19
CA TYR A 161 7.76 -16.85 1.67
C TYR A 161 8.98 -17.58 2.23
N THR A 162 9.91 -17.92 1.34
CA THR A 162 11.17 -18.56 1.68
C THR A 162 12.30 -17.61 1.27
N HIS A 163 12.93 -16.98 2.25
CA HIS A 163 13.90 -15.93 1.97
C HIS A 163 15.15 -16.52 1.32
N ASP A 164 15.61 -15.84 0.25
CA ASP A 164 16.78 -16.27 -0.55
C ASP A 164 16.56 -17.65 -1.17
N ALA A 165 15.30 -18.04 -1.38
CA ALA A 165 14.95 -19.29 -2.06
C ALA A 165 13.70 -19.02 -2.90
N GLY A 166 13.85 -18.14 -3.88
CA GLY A 166 12.74 -17.72 -4.72
C GLY A 166 12.00 -16.51 -4.15
N PHE A 167 11.01 -16.07 -4.94
CA PHE A 167 10.26 -14.85 -4.66
C PHE A 167 8.75 -15.08 -4.72
N ASP A 168 8.29 -16.31 -4.55
CA ASP A 168 6.85 -16.56 -4.47
C ASP A 168 6.37 -16.17 -3.08
N ASN A 169 5.20 -15.54 -3.03
CA ASN A 169 4.66 -14.95 -1.80
C ASN A 169 5.58 -13.89 -1.23
N ASP A 170 6.27 -13.15 -2.11
CA ASP A 170 7.12 -12.03 -1.70
C ASP A 170 6.21 -10.86 -1.37
N ILE A 171 5.61 -10.93 -0.19
CA ILE A 171 4.66 -9.92 0.28
C ILE A 171 4.73 -9.86 1.79
N ALA A 172 4.63 -8.65 2.33
CA ALA A 172 4.70 -8.43 3.76
C ALA A 172 3.88 -7.20 4.10
N LEU A 173 3.45 -7.13 5.36
CA LEU A 173 2.67 -6.03 5.90
C LEU A 173 3.36 -5.52 7.16
N ILE A 174 3.47 -4.20 7.27
CA ILE A 174 4.05 -3.52 8.42
C ILE A 174 2.94 -2.74 9.10
N LYS A 175 2.74 -2.97 10.39
CA LYS A 175 1.80 -2.18 11.18
C LYS A 175 2.55 -1.01 11.80
N LEU A 176 2.15 0.20 11.46
CA LEU A 176 2.73 1.39 12.05
C LEU A 176 2.20 1.55 13.47
N ASN A 177 3.11 1.88 14.40
CA ASN A 177 2.73 2.06 15.80
C ASN A 177 1.95 3.34 16.06
N ASN A 178 1.76 4.19 15.06
CA ASN A 178 0.87 5.34 15.19
C ASN A 178 0.25 5.64 13.84
N LYS A 179 -0.92 6.26 13.88
CA LYS A 179 -1.60 6.66 12.66
C LYS A 179 -0.89 7.85 12.01
N VAL A 180 -0.84 7.85 10.68
CA VAL A 180 -0.28 8.93 9.90
C VAL A 180 -1.41 9.91 9.57
N VAL A 181 -1.09 11.20 9.55
CA VAL A 181 -2.07 12.22 9.17
C VAL A 181 -2.18 12.23 7.65
N ILE A 182 -3.38 12.01 7.15
CA ILE A 182 -3.65 11.94 5.72
C ILE A 182 -3.96 13.36 5.24
N ASN A 183 -3.19 13.83 4.26
CA ASN A 183 -3.38 15.13 3.64
C ASN A 183 -3.15 14.97 2.15
N SER A 184 -3.03 16.11 1.44
CA SER A 184 -2.78 16.04 0.00
C SER A 184 -1.42 15.42 -0.32
N ASN A 185 -0.46 15.52 0.61
CA ASN A 185 0.88 14.98 0.40
C ASN A 185 1.00 13.51 0.76
N ILE A 186 0.25 13.03 1.76
CA ILE A 186 0.27 11.64 2.20
C ILE A 186 -1.16 11.10 2.05
N THR A 187 -1.31 10.04 1.25
CA THR A 187 -2.60 9.43 0.95
C THR A 187 -2.35 7.96 0.65
N PRO A 188 -3.15 7.02 1.18
CA PRO A 188 -2.90 5.62 0.85
C PRO A 188 -3.33 5.26 -0.57
N ILE A 189 -2.84 4.10 -1.02
CA ILE A 189 -3.25 3.47 -2.27
C ILE A 189 -4.42 2.55 -1.99
N CYS A 190 -5.34 2.45 -2.95
CA CYS A 190 -6.47 1.54 -2.83
C CYS A 190 -6.00 0.10 -3.07
N LEU A 191 -6.56 -0.82 -2.29
CA LEU A 191 -6.40 -2.24 -2.60
C LEU A 191 -7.29 -2.58 -3.80
N PRO A 192 -6.90 -3.56 -4.63
CA PRO A 192 -7.71 -3.85 -5.81
C PRO A 192 -9.01 -4.56 -5.46
N ARG A 193 -10.06 -4.19 -6.17
CA ARG A 193 -11.34 -4.89 -6.11
C ARG A 193 -11.29 -6.13 -7.00
N LYS A 194 -12.35 -6.93 -6.94
CA LYS A 194 -12.36 -8.25 -7.60
C LYS A 194 -12.23 -8.11 -9.10
N GLU A 195 -12.92 -7.13 -9.69
CA GLU A 195 -12.88 -6.91 -11.14
C GLU A 195 -11.65 -6.13 -11.59
N ALA A 196 -10.71 -5.84 -10.70
CA ALA A 196 -9.55 -5.03 -11.06
C ALA A 196 -8.63 -5.69 -12.07
N GLU A 197 -8.75 -7.00 -12.28
CA GLU A 197 -7.99 -7.66 -13.35
C GLU A 197 -8.38 -7.13 -14.73
N SER A 198 -9.57 -6.55 -14.88
CA SER A 198 -9.97 -5.95 -16.15
C SER A 198 -9.12 -4.73 -16.52
N PHE A 199 -8.47 -4.10 -15.55
CA PHE A 199 -7.50 -3.04 -15.80
C PHE A 199 -6.06 -3.53 -15.83
N MET A 200 -5.83 -4.85 -15.78
CA MET A 200 -4.51 -5.45 -15.72
C MET A 200 -4.35 -6.56 -16.76
N ARG A 201 -4.99 -6.40 -17.90
CA ARG A 201 -4.80 -7.34 -19.00
C ARG A 201 -3.41 -7.10 -19.61
N THR A 202 -3.02 -7.97 -20.53
CA THR A 202 -1.77 -7.77 -21.25
C THR A 202 -1.83 -6.46 -22.04
N ASP A 203 -0.71 -5.74 -22.03
CA ASP A 203 -0.49 -4.42 -22.63
C ASP A 203 -1.15 -3.28 -21.86
N ASP A 204 -1.86 -3.55 -20.76
CA ASP A 204 -2.32 -2.47 -19.90
C ASP A 204 -1.15 -1.85 -19.16
N ILE A 205 -1.21 -0.53 -18.96
CA ILE A 205 -0.10 0.23 -18.41
C ILE A 205 -0.20 0.26 -16.90
N GLY A 206 0.92 -0.02 -16.24
CA GLY A 206 1.06 0.24 -14.82
C GLY A 206 2.27 1.11 -14.56
N THR A 207 2.28 1.79 -13.42
CA THR A 207 3.33 2.71 -13.03
C THR A 207 4.05 2.17 -11.79
N ALA A 208 5.36 2.00 -11.91
CA ALA A 208 6.25 1.73 -10.79
C ALA A 208 7.00 3.00 -10.45
N SER A 209 7.19 3.25 -9.15
CA SER A 209 7.91 4.41 -8.66
C SER A 209 8.89 3.97 -7.57
N GLY A 210 9.96 4.74 -7.39
CA GLY A 210 10.96 4.37 -6.42
C GLY A 210 12.19 5.22 -6.51
N TRP A 211 13.11 4.94 -5.60
CA TRP A 211 14.39 5.64 -5.48
C TRP A 211 15.57 4.78 -5.92
N GLY A 212 15.33 3.68 -6.61
CA GLY A 212 16.37 2.71 -6.91
C GLY A 212 17.27 3.16 -8.05
N LEU A 213 18.10 2.22 -8.50
CA LEU A 213 19.08 2.51 -9.53
C LEU A 213 18.42 2.96 -10.82
N THR A 214 19.01 3.96 -11.45
CA THR A 214 18.62 4.42 -12.77
C THR A 214 19.59 3.85 -13.80
N GLN A 215 19.48 4.31 -15.05
CA GLN A 215 20.40 3.88 -16.09
C GLN A 215 21.84 4.29 -15.82
N ARG A 216 22.05 5.33 -15.00
CA ARG A 216 23.39 5.73 -14.63
C ARG A 216 24.04 4.77 -13.62
N GLY A 217 23.24 3.94 -12.94
CA GLY A 217 23.78 2.91 -12.08
C GLY A 217 23.95 3.29 -10.62
N PHE A 218 23.36 4.39 -10.17
CA PHE A 218 23.35 4.80 -8.78
C PHE A 218 21.91 5.08 -8.36
N LEU A 219 21.66 5.01 -7.05
CA LEU A 219 20.35 5.33 -6.51
C LEU A 219 19.97 6.77 -6.84
N ALA A 220 18.67 7.00 -7.04
CA ALA A 220 18.18 8.33 -7.33
C ALA A 220 18.04 9.13 -6.04
N ARG A 221 18.36 10.42 -6.12
CA ARG A 221 18.14 11.31 -4.98
C ARG A 221 16.66 11.65 -4.82
N ASN A 222 15.92 11.71 -5.92
CA ASN A 222 14.52 12.10 -5.96
C ASN A 222 13.69 10.93 -6.48
N LEU A 223 12.41 10.93 -6.09
CA LEU A 223 11.50 9.87 -6.52
C LEU A 223 11.31 9.91 -8.03
N MET A 224 11.45 8.76 -8.67
CA MET A 224 11.32 8.57 -10.10
C MET A 224 10.19 7.60 -10.37
N TYR A 225 9.74 7.53 -11.63
CA TYR A 225 8.69 6.57 -12.00
C TYR A 225 8.72 6.30 -13.50
N VAL A 226 8.18 5.13 -13.88
CA VAL A 226 8.05 4.70 -15.26
C VAL A 226 6.67 4.10 -15.48
N ASP A 227 6.07 4.40 -16.62
CA ASP A 227 4.92 3.67 -17.13
C ASP A 227 5.42 2.47 -17.93
N ILE A 228 4.92 1.28 -17.61
CA ILE A 228 5.32 0.04 -18.30
C ILE A 228 4.11 -0.85 -18.48
N PRO A 229 4.11 -1.70 -19.57
CA PRO A 229 2.92 -2.52 -19.85
C PRO A 229 3.01 -3.92 -19.29
N ILE A 230 1.87 -4.56 -18.99
CA ILE A 230 1.87 -5.95 -18.56
C ILE A 230 2.28 -6.84 -19.73
N VAL A 231 3.04 -7.89 -19.42
CA VAL A 231 3.58 -8.84 -20.37
C VAL A 231 2.80 -10.13 -20.23
N ASP A 232 2.72 -10.90 -21.32
CA ASP A 232 2.07 -12.20 -21.25
C ASP A 232 2.87 -13.13 -20.34
N HIS A 233 2.14 -13.91 -19.54
CA HIS A 233 2.78 -14.71 -18.49
C HIS A 233 3.69 -15.79 -19.07
N GLN A 234 3.26 -16.45 -20.15
CA GLN A 234 4.13 -17.42 -20.80
C GLN A 234 5.39 -16.76 -21.34
N LYS A 235 5.24 -15.58 -21.93
CA LYS A 235 6.38 -14.85 -22.47
C LYS A 235 7.36 -14.48 -21.35
N CYS A 236 6.84 -14.17 -20.17
CA CYS A 236 7.70 -13.82 -19.04
C CYS A 236 8.34 -15.06 -18.41
N THR A 237 7.59 -16.16 -18.29
CA THR A 237 8.15 -17.39 -17.76
C THR A 237 9.28 -17.90 -18.65
N ALA A 238 9.08 -17.86 -19.97
CA ALA A 238 10.12 -18.30 -20.90
C ALA A 238 11.33 -17.37 -20.83
N ALA A 239 11.14 -16.10 -20.50
CA ALA A 239 12.25 -15.16 -20.46
C ALA A 239 13.25 -15.50 -19.35
N TYR A 240 12.77 -16.07 -18.24
CA TYR A 240 13.61 -16.43 -17.10
C TYR A 240 13.86 -17.93 -16.99
N GLU A 241 13.62 -18.69 -18.07
CA GLU A 241 13.82 -20.13 -18.08
C GLU A 241 15.23 -20.43 -18.64
N LYS A 242 16.22 -20.00 -17.88
CA LYS A 242 17.62 -20.16 -18.26
C LYS A 242 18.48 -19.95 -17.01
N PRO A 243 19.75 -20.36 -17.04
CA PRO A 243 20.62 -20.07 -15.89
C PRO A 243 20.85 -18.60 -15.74
N PRO A 244 21.13 -18.09 -14.52
CA PRO A 244 21.29 -18.78 -13.24
C PRO A 244 19.97 -19.06 -12.52
N TYR A 245 18.83 -18.82 -13.18
CA TYR A 245 17.56 -18.87 -12.48
C TYR A 245 17.14 -20.31 -12.25
N PRO A 246 16.59 -20.66 -11.06
CA PRO A 246 16.09 -22.02 -10.88
C PRO A 246 14.81 -22.25 -11.68
N ARG A 247 14.45 -23.53 -11.79
CA ARG A 247 13.21 -23.90 -12.45
C ARG A 247 12.01 -23.31 -11.71
N GLY A 248 11.06 -22.79 -12.47
CA GLY A 248 9.83 -22.28 -11.89
C GLY A 248 9.96 -20.95 -11.18
N SER A 249 10.86 -20.08 -11.63
CA SER A 249 11.09 -18.82 -10.93
C SER A 249 9.88 -17.89 -11.02
N VAL A 250 9.24 -17.84 -12.19
CA VAL A 250 8.03 -17.03 -12.37
C VAL A 250 6.84 -17.91 -12.02
N THR A 251 6.16 -17.59 -10.92
CA THR A 251 5.00 -18.36 -10.47
C THR A 251 3.71 -17.68 -10.89
N ALA A 252 2.60 -18.36 -10.63
CA ALA A 252 1.28 -17.80 -10.92
C ALA A 252 0.90 -16.64 -10.00
N ASN A 253 1.61 -16.46 -8.89
CA ASN A 253 1.40 -15.32 -8.00
C ASN A 253 2.21 -14.09 -8.39
N MET A 254 2.72 -14.05 -9.62
CA MET A 254 3.53 -12.94 -10.11
C MET A 254 3.00 -12.49 -11.47
N LEU A 255 3.01 -11.18 -11.69
CA LEU A 255 2.88 -10.58 -13.01
C LEU A 255 4.21 -9.96 -13.39
N CYS A 256 4.37 -9.77 -14.69
CA CYS A 256 5.58 -9.19 -15.26
C CYS A 256 5.21 -7.93 -16.04
N ALA A 257 6.16 -7.00 -16.10
CA ALA A 257 5.93 -5.72 -16.75
C ALA A 257 7.27 -5.19 -17.26
N GLY A 258 7.25 -4.62 -18.45
CA GLY A 258 8.45 -4.10 -19.06
C GLY A 258 8.39 -4.26 -20.57
N LEU A 259 9.43 -3.76 -21.22
CA LEU A 259 9.56 -3.75 -22.66
C LEU A 259 10.42 -4.92 -23.13
N GLU A 260 10.11 -5.41 -24.35
CA GLU A 260 11.04 -6.30 -25.03
C GLU A 260 12.39 -5.64 -25.25
N SER A 261 12.41 -4.32 -25.47
CA SER A 261 13.63 -3.59 -25.74
C SER A 261 14.44 -3.25 -24.49
N GLY A 262 13.84 -3.35 -23.30
CA GLY A 262 14.56 -3.13 -22.05
C GLY A 262 14.64 -1.69 -21.58
N GLY A 263 14.05 -0.74 -22.29
CA GLY A 263 14.26 0.66 -21.96
C GLY A 263 13.67 1.11 -20.64
N LYS A 264 12.72 0.36 -20.09
CA LYS A 264 11.98 0.76 -18.89
C LYS A 264 11.89 -0.41 -17.92
N ASP A 265 12.29 -0.17 -16.67
CA ASP A 265 12.30 -1.22 -15.66
C ASP A 265 12.38 -0.56 -14.28
N SER A 266 12.22 -1.39 -13.25
CA SER A 266 12.59 -1.09 -11.88
C SER A 266 13.78 -1.97 -11.51
N CYS A 267 14.64 -1.45 -10.62
N CYS A 267 14.53 -1.52 -10.50
CA CYS A 267 15.93 -2.04 -10.29
CA CYS A 267 15.83 -2.08 -10.22
C CYS A 267 16.08 -2.21 -8.77
C CYS A 267 16.03 -2.25 -8.71
N ARG A 268 17.30 -2.52 -8.34
CA ARG A 268 17.65 -2.56 -6.93
C ARG A 268 17.35 -1.23 -6.28
N GLY A 269 16.83 -1.29 -5.07
CA GLY A 269 16.41 -0.11 -4.35
C GLY A 269 14.95 0.24 -4.53
N ASP A 270 14.30 -0.28 -5.56
CA ASP A 270 12.86 -0.13 -5.77
C ASP A 270 12.03 -1.21 -5.08
N SER A 271 12.67 -2.13 -4.35
CA SER A 271 11.98 -3.27 -3.75
C SER A 271 10.85 -2.84 -2.83
N GLY A 272 9.73 -3.54 -2.92
CA GLY A 272 8.58 -3.27 -2.10
C GLY A 272 7.69 -2.14 -2.57
N GLY A 273 8.11 -1.38 -3.58
CA GLY A 273 7.28 -0.33 -4.11
C GLY A 273 6.02 -0.89 -4.76
N ALA A 274 5.01 -0.03 -4.89
CA ALA A 274 3.72 -0.42 -5.45
C ALA A 274 3.70 -0.15 -6.95
N LEU A 275 3.47 -1.20 -7.73
CA LEU A 275 3.13 -1.07 -9.15
C LEU A 275 1.63 -0.84 -9.22
N VAL A 276 1.23 0.35 -9.66
CA VAL A 276 -0.14 0.82 -9.55
C VAL A 276 -0.77 1.00 -10.92
N PHE A 277 -2.10 0.92 -10.95
CA PHE A 277 -2.91 1.00 -12.16
C PHE A 277 -4.12 1.87 -11.85
N LEU A 278 -4.59 2.61 -12.87
CA LEU A 278 -5.72 3.50 -12.71
C LEU A 278 -7.02 2.77 -13.08
N ASP A 279 -7.96 2.76 -12.15
CA ASP A 279 -9.34 2.38 -12.43
C ASP A 279 -10.02 3.57 -13.08
N SER A 280 -10.29 3.47 -14.39
CA SER A 280 -10.82 4.61 -15.14
C SER A 280 -12.25 4.95 -14.77
N GLU A 281 -12.99 4.02 -14.14
CA GLU A 281 -14.38 4.26 -13.77
C GLU A 281 -14.49 4.95 -12.40
N THR A 282 -13.84 4.40 -11.37
CA THR A 282 -13.75 5.11 -10.10
C THR A 282 -12.73 6.25 -10.13
N GLU A 283 -11.86 6.30 -11.14
CA GLU A 283 -10.84 7.35 -11.26
C GLU A 283 -9.89 7.36 -10.06
N ARG A 284 -9.53 6.16 -9.59
CA ARG A 284 -8.68 5.97 -8.44
C ARG A 284 -7.57 4.99 -8.77
N TRP A 285 -6.36 5.29 -8.33
CA TRP A 285 -5.24 4.36 -8.47
C TRP A 285 -5.34 3.27 -7.42
N PHE A 286 -4.92 2.06 -7.79
CA PHE A 286 -4.89 0.93 -6.90
C PHE A 286 -3.60 0.16 -7.13
N VAL A 287 -3.26 -0.71 -6.18
CA VAL A 287 -2.02 -1.47 -6.24
C VAL A 287 -2.29 -2.80 -6.93
N GLY A 288 -1.59 -3.01 -8.06
CA GLY A 288 -1.67 -4.24 -8.81
C GLY A 288 -0.50 -5.17 -8.53
N GLY A 289 0.68 -4.58 -8.33
CA GLY A 289 1.88 -5.37 -8.08
C GLY A 289 2.75 -4.74 -7.01
N ILE A 290 3.67 -5.56 -6.49
CA ILE A 290 4.73 -5.12 -5.58
C ILE A 290 6.06 -5.44 -6.24
N VAL A 291 6.99 -4.48 -6.19
CA VAL A 291 8.31 -4.65 -6.81
C VAL A 291 9.04 -5.77 -6.09
N SER A 292 9.37 -6.83 -6.84
CA SER A 292 9.94 -8.05 -6.27
C SER A 292 11.32 -8.36 -6.84
N TRP A 293 11.43 -8.74 -8.11
CA TRP A 293 12.71 -9.18 -8.64
C TRP A 293 12.73 -8.99 -10.16
N GLY A 294 13.79 -9.48 -10.79
CA GLY A 294 14.03 -9.29 -12.19
C GLY A 294 15.48 -9.66 -12.48
N SER A 295 15.95 -9.26 -13.66
CA SER A 295 17.35 -9.54 -13.99
C SER A 295 18.27 -8.67 -13.16
N MET A 296 19.47 -9.20 -12.92
CA MET A 296 20.49 -8.46 -12.17
C MET A 296 20.90 -7.19 -12.92
N ASN A 297 21.07 -7.30 -14.24
CA ASN A 297 21.33 -6.14 -15.09
C ASN A 297 19.99 -5.51 -15.40
N CYS A 298 19.67 -4.43 -14.70
N CYS A 298 19.65 -4.44 -14.70
CA CYS A 298 18.40 -3.74 -14.88
CA CYS A 298 18.34 -3.83 -14.89
C CYS A 298 18.28 -3.13 -16.26
C CYS A 298 18.26 -3.14 -16.24
N GLY A 299 17.05 -3.15 -16.80
CA GLY A 299 16.82 -2.64 -18.13
C GLY A 299 17.28 -3.57 -19.23
N GLU A 300 17.65 -4.81 -18.91
CA GLU A 300 18.08 -5.74 -19.94
C GLU A 300 16.91 -6.10 -20.84
N ALA A 301 17.15 -6.07 -22.15
CA ALA A 301 16.11 -6.34 -23.13
C ALA A 301 15.59 -7.76 -23.00
N GLY A 302 14.28 -7.93 -23.14
CA GLY A 302 13.66 -9.23 -23.02
C GLY A 302 13.74 -9.83 -21.63
N GLN A 303 13.98 -9.02 -20.59
CA GLN A 303 14.13 -9.49 -19.21
C GLN A 303 13.24 -8.56 -18.38
N TYR A 304 11.98 -8.97 -18.21
CA TYR A 304 10.97 -8.08 -17.67
C TYR A 304 11.01 -8.08 -16.15
N GLY A 305 10.67 -6.94 -15.57
CA GLY A 305 10.55 -6.85 -14.12
C GLY A 305 9.40 -7.72 -13.63
N VAL A 306 9.65 -8.49 -12.57
CA VAL A 306 8.69 -9.43 -12.01
C VAL A 306 8.16 -8.85 -10.70
N TYR A 307 6.84 -8.88 -10.55
CA TYR A 307 6.13 -8.19 -9.48
C TYR A 307 5.16 -9.17 -8.81
N THR A 308 5.04 -9.08 -7.50
CA THR A 308 4.13 -9.96 -6.76
C THR A 308 2.69 -9.59 -7.06
N LYS A 309 1.89 -10.58 -7.46
CA LYS A 309 0.51 -10.34 -7.89
C LYS A 309 -0.35 -10.12 -6.66
N VAL A 310 -0.71 -8.85 -6.41
CA VAL A 310 -1.34 -8.48 -5.14
C VAL A 310 -2.75 -9.03 -5.03
N ILE A 311 -3.49 -9.15 -6.14
CA ILE A 311 -4.89 -9.56 -6.07
C ILE A 311 -5.03 -10.98 -5.54
N ASN A 312 -4.00 -11.81 -5.71
CA ASN A 312 -4.00 -13.14 -5.10
C ASN A 312 -3.94 -13.11 -3.58
N TYR A 313 -3.45 -12.01 -2.98
CA TYR A 313 -3.19 -11.93 -1.55
C TYR A 313 -4.17 -11.05 -0.80
N ILE A 314 -5.33 -10.75 -1.40
CA ILE A 314 -6.36 -10.00 -0.69
C ILE A 314 -6.84 -10.73 0.58
N PRO A 315 -7.22 -12.02 0.54
CA PRO A 315 -7.64 -12.67 1.79
C PRO A 315 -6.57 -12.69 2.87
N TRP A 316 -5.30 -12.82 2.47
CA TRP A 316 -4.21 -12.69 3.41
C TRP A 316 -4.12 -11.27 3.98
N ILE A 317 -4.25 -10.26 3.11
CA ILE A 317 -4.20 -8.87 3.57
C ILE A 317 -5.35 -8.58 4.51
N GLU A 318 -6.56 -8.95 4.13
CA GLU A 318 -7.72 -8.68 4.96
C GLU A 318 -7.69 -9.50 6.26
N ASN A 319 -7.07 -10.68 6.24
CA ASN A 319 -6.89 -11.44 7.48
C ASN A 319 -6.07 -10.64 8.49
N ILE A 320 -4.90 -10.16 8.08
CA ILE A 320 -3.98 -9.53 9.02
C ILE A 320 -4.50 -8.19 9.48
N ILE A 321 -4.99 -7.36 8.54
CA ILE A 321 -5.40 -6.00 8.91
C ILE A 321 -6.63 -6.04 9.80
N SER A 322 -7.55 -6.97 9.55
CA SER A 322 -8.73 -7.08 10.41
C SER A 322 -8.35 -7.64 11.77
N ASP A 323 -7.48 -8.65 11.82
CA ASP A 323 -7.18 -9.36 13.05
C ASP A 323 -6.12 -8.68 13.93
N PHE A 324 -5.48 -7.62 13.44
CA PHE A 324 -4.40 -6.95 14.19
C PHE A 324 -4.52 -5.44 14.10
#